data_2QGS
#
_entry.id   2QGS
#
_cell.length_a   56.736
_cell.length_b   62.843
_cell.length_c   71.828
_cell.angle_alpha   90.00
_cell.angle_beta   107.67
_cell.angle_gamma   90.00
#
_symmetry.space_group_name_H-M   'P 1 21 1'
#
loop_
_entity.id
_entity.type
_entity.pdbx_description
1 polymer 'Protein SE1688'
2 non-polymer 'ZINC ION'
3 water water
#
_entity_poly.entity_id   1
_entity_poly.type   'polypeptide(L)'
_entity_poly.pdbx_seq_one_letter_code
;(MSE)NSR(MSE)KIKKAYEY(MSE)KSFHQHDTTGHDIAHVERVYNNACYIAKRENITDTLVIELSSLLHDTVDSKLTD
EILAYDQLKQFLSTLDLSSEISQQVLYIIKH(MSE)SYRAGKNNHVKLSIDGEIVRDADRLDAIGAIGIARTFQFSGHFG
EP(MSE)WTETKLSNEELHTSLVEELDNSAIKHFYEKLFKLKDL(MSE)HTPTAKKLAEERHQF(MSE)IQYLKQF
(MSE)SEWNFNKELEHHHHHH
;
_entity_poly.pdbx_strand_id   A,B
#
# COMPACT_ATOMS: atom_id res chain seq x y z
N ASN A 2 9.38 -31.26 -24.54
CA ASN A 2 9.59 -31.88 -23.22
C ASN A 2 8.77 -31.19 -22.14
N SER A 3 9.08 -31.50 -20.89
CA SER A 3 8.36 -30.91 -19.76
C SER A 3 8.47 -29.39 -19.65
N ARG A 4 9.68 -28.86 -19.68
CA ARG A 4 9.81 -27.42 -19.53
C ARG A 4 9.26 -26.66 -20.73
N LYS A 6 6.41 -27.64 -22.17
CA LYS A 6 4.98 -27.60 -21.91
C LYS A 6 4.72 -26.50 -20.89
N ILE A 7 5.65 -26.35 -19.96
CA ILE A 7 5.56 -25.34 -18.91
C ILE A 7 5.60 -23.96 -19.54
N LYS A 8 6.49 -23.80 -20.52
CA LYS A 8 6.65 -22.56 -21.25
C LYS A 8 5.34 -22.19 -21.96
N LYS A 9 4.68 -23.18 -22.54
CA LYS A 9 3.42 -22.92 -23.23
C LYS A 9 2.32 -22.56 -22.24
N ALA A 10 2.38 -23.13 -21.03
CA ALA A 10 1.38 -22.82 -20.01
C ALA A 10 1.62 -21.38 -19.59
N TYR A 11 2.88 -20.99 -19.52
CA TYR A 11 3.24 -19.63 -19.16
C TYR A 11 2.70 -18.64 -20.21
N GLU A 12 2.84 -19.01 -21.48
CA GLU A 12 2.36 -18.19 -22.60
C GLU A 12 0.84 -18.12 -22.59
N TYR A 13 0.20 -19.23 -22.24
CA TYR A 13 -1.26 -19.28 -22.20
C TYR A 13 -1.78 -18.35 -21.12
N LYS A 15 -0.26 -15.65 -19.89
CA LYS A 15 -0.06 -14.25 -20.27
C LYS A 15 -1.13 -13.79 -21.27
N SER A 16 -1.58 -14.71 -22.12
CA SER A 16 -2.62 -14.36 -23.09
C SER A 16 -3.96 -14.22 -22.36
N PHE A 17 -4.20 -15.13 -21.40
CA PHE A 17 -5.42 -15.13 -20.60
C PHE A 17 -5.61 -13.78 -19.92
N HIS A 18 -4.55 -13.27 -19.32
CA HIS A 18 -4.60 -11.99 -18.61
C HIS A 18 -4.13 -10.81 -19.45
N GLN A 19 -4.09 -10.98 -20.76
CA GLN A 19 -3.63 -9.92 -21.64
C GLN A 19 -4.35 -8.58 -21.54
N HIS A 20 -5.64 -8.60 -21.20
CA HIS A 20 -6.41 -7.37 -21.13
C HIS A 20 -6.29 -6.57 -19.83
N ASP A 21 -5.59 -7.16 -18.86
CA ASP A 21 -5.38 -6.51 -17.57
C ASP A 21 -4.55 -5.25 -17.75
N THR A 22 -5.19 -4.11 -17.58
CA THR A 22 -4.54 -2.82 -17.72
C THR A 22 -3.69 -2.45 -16.51
N THR A 23 -3.97 -3.09 -15.38
CA THR A 23 -3.23 -2.81 -14.15
C THR A 23 -1.93 -3.61 -14.11
N GLY A 24 -1.86 -4.67 -14.92
CA GLY A 24 -0.65 -5.48 -14.96
C GLY A 24 -0.40 -6.33 -13.73
N HIS A 25 -1.30 -6.25 -12.75
CA HIS A 25 -1.18 -7.02 -11.52
C HIS A 25 -1.38 -8.52 -11.71
N ASP A 26 -2.39 -8.88 -12.47
CA ASP A 26 -2.70 -10.29 -12.69
C ASP A 26 -1.52 -11.12 -13.20
N ILE A 27 -0.86 -10.66 -14.24
CA ILE A 27 0.28 -11.41 -14.78
C ILE A 27 1.43 -11.50 -13.77
N ALA A 28 1.77 -10.36 -13.18
CA ALA A 28 2.85 -10.27 -12.20
C ALA A 28 2.56 -11.18 -11.00
N HIS A 29 1.29 -11.24 -10.62
CA HIS A 29 0.88 -12.08 -9.51
C HIS A 29 1.15 -13.55 -9.78
N VAL A 30 0.78 -14.00 -10.97
CA VAL A 30 0.98 -15.40 -11.31
C VAL A 30 2.46 -15.74 -11.40
N GLU A 31 3.26 -14.84 -11.97
CA GLU A 31 4.70 -15.09 -12.07
C GLU A 31 5.31 -15.24 -10.67
N ARG A 32 4.86 -14.44 -9.71
CA ARG A 32 5.39 -14.54 -8.35
C ARG A 32 4.93 -15.83 -7.66
N VAL A 33 3.70 -16.24 -7.92
CA VAL A 33 3.20 -17.47 -7.32
C VAL A 33 4.04 -18.62 -7.88
N TYR A 34 4.25 -18.60 -9.19
CA TYR A 34 5.06 -19.61 -9.86
C TYR A 34 6.46 -19.67 -9.27
N ASN A 35 7.09 -18.50 -9.15
CA ASN A 35 8.45 -18.45 -8.60
C ASN A 35 8.50 -18.90 -7.15
N ASN A 36 7.46 -18.59 -6.37
CA ASN A 36 7.43 -19.02 -4.97
C ASN A 36 7.28 -20.54 -4.93
N ALA A 37 6.38 -21.06 -5.76
CA ALA A 37 6.10 -22.51 -5.82
C ALA A 37 7.33 -23.32 -6.20
N CYS A 38 8.11 -22.79 -7.15
CA CYS A 38 9.31 -23.48 -7.58
C CYS A 38 10.34 -23.46 -6.45
N TYR A 39 10.39 -22.37 -5.69
CA TYR A 39 11.33 -22.25 -4.58
C TYR A 39 11.00 -23.28 -3.50
N ILE A 40 9.73 -23.32 -3.11
CA ILE A 40 9.25 -24.24 -2.09
C ILE A 40 9.45 -25.70 -2.51
N ALA A 41 9.12 -26.01 -3.76
CA ALA A 41 9.27 -27.37 -4.26
C ALA A 41 10.71 -27.86 -4.18
N LYS A 42 11.66 -27.04 -4.63
CA LYS A 42 13.05 -27.44 -4.55
C LYS A 42 13.47 -27.66 -3.10
N ARG A 43 13.10 -26.72 -2.23
CA ARG A 43 13.46 -26.83 -0.82
C ARG A 43 12.79 -28.00 -0.11
N GLU A 44 11.63 -28.41 -0.62
CA GLU A 44 10.90 -29.54 -0.03
C GLU A 44 11.32 -30.81 -0.74
N ASN A 45 12.28 -30.66 -1.64
CA ASN A 45 12.83 -31.77 -2.41
C ASN A 45 11.84 -32.55 -3.25
N ILE A 46 10.98 -31.82 -3.95
CA ILE A 46 10.01 -32.44 -4.84
C ILE A 46 10.77 -32.79 -6.11
N THR A 47 10.80 -34.08 -6.45
CA THR A 47 11.49 -34.56 -7.64
C THR A 47 10.86 -34.00 -8.93
N ASP A 48 9.68 -34.50 -9.27
CA ASP A 48 8.99 -34.08 -10.49
C ASP A 48 8.09 -32.89 -10.15
N THR A 49 8.45 -31.71 -10.64
CA THR A 49 7.67 -30.51 -10.37
C THR A 49 6.72 -30.13 -11.50
N LEU A 50 6.48 -31.04 -12.43
CA LEU A 50 5.58 -30.74 -13.56
C LEU A 50 4.20 -30.26 -13.11
N VAL A 51 3.56 -31.01 -12.22
CA VAL A 51 2.23 -30.64 -11.74
C VAL A 51 2.24 -29.28 -11.04
N ILE A 52 3.24 -29.06 -10.19
CA ILE A 52 3.36 -27.81 -9.46
C ILE A 52 3.56 -26.62 -10.40
N GLU A 53 4.46 -26.77 -11.37
CA GLU A 53 4.70 -25.68 -12.32
C GLU A 53 3.49 -25.39 -13.19
N LEU A 54 2.89 -26.41 -13.79
CA LEU A 54 1.71 -26.13 -14.62
C LEU A 54 0.56 -25.55 -13.81
N SER A 55 0.31 -26.10 -12.62
CA SER A 55 -0.79 -25.66 -11.77
C SER A 55 -0.64 -24.24 -11.26
N SER A 56 0.58 -23.86 -10.89
CA SER A 56 0.79 -22.51 -10.40
C SER A 56 0.55 -21.51 -11.54
N LEU A 57 1.11 -21.77 -12.72
CA LEU A 57 0.93 -20.87 -13.88
C LEU A 57 -0.53 -20.77 -14.33
N LEU A 58 -1.31 -21.83 -14.13
CA LEU A 58 -2.70 -21.82 -14.57
C LEU A 58 -3.70 -21.78 -13.42
N HIS A 59 -3.22 -21.60 -12.19
CA HIS A 59 -4.12 -21.63 -11.03
C HIS A 59 -5.33 -20.70 -11.04
N ASP A 60 -5.35 -19.67 -11.88
CA ASP A 60 -6.53 -18.80 -11.90
C ASP A 60 -7.09 -18.54 -13.30
N THR A 61 -6.87 -19.51 -14.19
CA THR A 61 -7.34 -19.39 -15.57
C THR A 61 -8.81 -19.79 -15.76
N VAL A 62 -9.49 -20.14 -14.68
CA VAL A 62 -10.91 -20.51 -14.77
C VAL A 62 -11.73 -19.42 -14.07
N ASP A 63 -11.12 -18.25 -13.95
CA ASP A 63 -11.79 -17.09 -13.36
C ASP A 63 -11.51 -15.89 -14.26
N SER A 64 -12.24 -15.83 -15.37
CA SER A 64 -12.12 -14.74 -16.35
C SER A 64 -13.03 -13.59 -15.97
N LYS A 65 -12.44 -12.45 -15.65
CA LYS A 65 -13.20 -11.27 -15.25
C LYS A 65 -14.04 -10.70 -16.40
N LEU A 66 -13.61 -10.92 -17.63
CA LEU A 66 -14.33 -10.42 -18.80
C LEU A 66 -15.40 -11.35 -19.34
N THR A 67 -15.20 -12.66 -19.18
CA THR A 67 -16.17 -13.62 -19.67
C THR A 67 -16.83 -14.42 -18.56
N ASP A 68 -16.65 -15.72 -18.58
CA ASP A 68 -17.25 -16.57 -17.55
C ASP A 68 -16.47 -17.85 -17.40
N GLU A 69 -16.82 -18.61 -16.36
CA GLU A 69 -16.16 -19.87 -16.06
C GLU A 69 -16.39 -20.92 -17.15
N ILE A 70 -17.52 -20.86 -17.83
CA ILE A 70 -17.83 -21.83 -18.88
C ILE A 70 -16.88 -21.72 -20.05
N LEU A 71 -16.74 -20.51 -20.58
CA LEU A 71 -15.85 -20.26 -21.71
C LEU A 71 -14.41 -20.42 -21.23
N ALA A 72 -14.13 -20.01 -19.99
CA ALA A 72 -12.79 -20.13 -19.45
C ALA A 72 -12.35 -21.59 -19.43
N TYR A 73 -13.13 -22.46 -18.82
CA TYR A 73 -12.78 -23.87 -18.77
C TYR A 73 -12.60 -24.46 -20.15
N ASP A 74 -13.49 -24.12 -21.07
CA ASP A 74 -13.40 -24.64 -22.43
C ASP A 74 -12.03 -24.32 -23.04
N GLN A 75 -11.62 -23.07 -22.89
CA GLN A 75 -10.32 -22.64 -23.42
C GLN A 75 -9.21 -23.42 -22.72
N LEU A 76 -9.27 -23.47 -21.38
CA LEU A 76 -8.26 -24.18 -20.59
C LEU A 76 -8.09 -25.64 -21.02
N LYS A 77 -9.22 -26.36 -21.09
CA LYS A 77 -9.20 -27.77 -21.49
C LYS A 77 -8.63 -27.95 -22.89
N GLN A 78 -8.97 -27.00 -23.77
CA GLN A 78 -8.49 -27.03 -25.15
C GLN A 78 -6.97 -26.86 -25.11
N PHE A 79 -6.49 -25.91 -24.33
CA PHE A 79 -5.06 -25.68 -24.22
C PHE A 79 -4.33 -26.90 -23.65
N LEU A 80 -4.89 -27.49 -22.59
CA LEU A 80 -4.25 -28.65 -21.98
C LEU A 80 -4.16 -29.84 -22.93
N SER A 81 -5.15 -29.97 -23.80
CA SER A 81 -5.19 -31.07 -24.77
C SER A 81 -4.02 -30.97 -25.75
N THR A 82 -3.48 -29.78 -25.93
CA THR A 82 -2.37 -29.60 -26.85
C THR A 82 -1.03 -29.95 -26.21
N LEU A 83 -1.02 -30.14 -24.89
CA LEU A 83 0.22 -30.45 -24.19
C LEU A 83 0.49 -31.94 -24.12
N ASP A 84 -0.44 -32.74 -24.63
CA ASP A 84 -0.29 -34.20 -24.63
C ASP A 84 0.06 -34.72 -23.24
N LEU A 85 -0.74 -34.34 -22.26
CA LEU A 85 -0.52 -34.75 -20.89
C LEU A 85 -1.20 -36.08 -20.62
N SER A 86 -0.64 -36.86 -19.70
CA SER A 86 -1.22 -38.15 -19.35
C SER A 86 -2.52 -37.87 -18.63
N SER A 87 -3.32 -38.92 -18.43
CA SER A 87 -4.60 -38.81 -17.75
C SER A 87 -4.43 -38.32 -16.32
N GLU A 88 -3.56 -38.99 -15.57
CA GLU A 88 -3.32 -38.65 -14.18
C GLU A 88 -2.82 -37.23 -14.00
N ILE A 89 -1.82 -36.84 -14.79
CA ILE A 89 -1.25 -35.50 -14.71
C ILE A 89 -2.32 -34.45 -15.00
N SER A 90 -3.03 -34.64 -16.10
CA SER A 90 -4.09 -33.72 -16.48
C SER A 90 -5.12 -33.62 -15.36
N GLN A 91 -5.52 -34.77 -14.82
CA GLN A 91 -6.49 -34.79 -13.73
C GLN A 91 -5.97 -34.06 -12.50
N GLN A 92 -4.69 -34.27 -12.19
CA GLN A 92 -4.07 -33.61 -11.03
C GLN A 92 -4.02 -32.10 -11.15
N VAL A 93 -3.71 -31.62 -12.36
CA VAL A 93 -3.63 -30.20 -12.62
C VAL A 93 -5.01 -29.55 -12.53
N LEU A 94 -5.99 -30.18 -13.17
CA LEU A 94 -7.36 -29.65 -13.17
C LEU A 94 -7.95 -29.62 -11.76
N TYR A 95 -7.63 -30.65 -10.98
CA TYR A 95 -8.10 -30.76 -9.60
C TYR A 95 -7.56 -29.59 -8.76
N ILE A 96 -6.28 -29.28 -8.94
CA ILE A 96 -5.67 -28.18 -8.19
C ILE A 96 -6.33 -26.86 -8.60
N ILE A 97 -6.47 -26.66 -9.90
CA ILE A 97 -7.10 -25.44 -10.41
C ILE A 97 -8.50 -25.25 -9.82
N LYS A 98 -9.30 -26.31 -9.85
CA LYS A 98 -10.66 -26.28 -9.32
C LYS A 98 -10.69 -25.82 -7.86
N HIS A 99 -9.87 -26.43 -7.03
CA HIS A 99 -9.83 -26.10 -5.61
C HIS A 99 -8.93 -24.91 -5.33
N SER A 101 -9.83 -21.95 -7.29
CA SER A 101 -10.73 -20.87 -7.67
C SER A 101 -11.83 -20.68 -6.64
N HIS A 109 -11.42 -25.63 1.21
CA HIS A 109 -11.09 -26.17 2.51
C HIS A 109 -10.62 -27.63 2.43
N VAL A 110 -10.81 -28.24 1.26
CA VAL A 110 -10.41 -29.62 1.05
C VAL A 110 -8.89 -29.78 0.99
N LYS A 111 -8.37 -30.82 1.64
CA LYS A 111 -6.95 -31.09 1.65
C LYS A 111 -6.49 -31.52 0.26
N LEU A 112 -5.28 -31.13 -0.10
CA LEU A 112 -4.72 -31.46 -1.41
C LEU A 112 -3.45 -32.28 -1.22
N SER A 113 -2.90 -32.78 -2.32
CA SER A 113 -1.66 -33.54 -2.25
C SER A 113 -0.58 -32.52 -1.90
N ILE A 114 0.65 -33.00 -1.71
CA ILE A 114 1.74 -32.09 -1.37
C ILE A 114 1.91 -31.05 -2.49
N ASP A 115 1.72 -31.47 -3.74
CA ASP A 115 1.83 -30.59 -4.90
C ASP A 115 0.81 -29.46 -4.82
N GLY A 116 -0.44 -29.80 -4.53
CA GLY A 116 -1.48 -28.79 -4.42
C GLY A 116 -1.27 -27.84 -3.26
N GLU A 117 -0.81 -28.36 -2.12
CA GLU A 117 -0.56 -27.54 -0.93
C GLU A 117 0.56 -26.54 -1.20
N ILE A 118 1.55 -26.97 -1.98
CA ILE A 118 2.66 -26.08 -2.31
C ILE A 118 2.14 -24.92 -3.17
N VAL A 119 1.31 -25.22 -4.16
CA VAL A 119 0.76 -24.16 -5.00
C VAL A 119 -0.08 -23.22 -4.15
N ARG A 120 -0.90 -23.80 -3.27
CA ARG A 120 -1.74 -23.00 -2.38
C ARG A 120 -0.86 -22.15 -1.44
N ASP A 121 0.26 -22.70 -0.98
CA ASP A 121 1.17 -21.96 -0.09
C ASP A 121 1.79 -20.77 -0.86
N ALA A 122 2.24 -21.01 -2.08
CA ALA A 122 2.85 -19.95 -2.89
C ALA A 122 1.83 -18.86 -3.16
N ASP A 123 0.60 -19.27 -3.41
CA ASP A 123 -0.44 -18.29 -3.68
C ASP A 123 -0.69 -17.44 -2.44
N ARG A 124 -0.80 -18.10 -1.29
CA ARG A 124 -1.06 -17.41 -0.03
C ARG A 124 0.06 -16.44 0.33
N LEU A 125 1.30 -16.82 0.05
CA LEU A 125 2.43 -15.97 0.37
C LEU A 125 2.32 -14.61 -0.30
N ASP A 126 1.78 -14.60 -1.52
CA ASP A 126 1.68 -13.35 -2.25
C ASP A 126 0.64 -12.41 -1.64
N ALA A 127 -0.13 -12.90 -0.68
CA ALA A 127 -1.12 -12.04 -0.04
C ALA A 127 -0.54 -11.29 1.16
N ILE A 128 0.66 -11.66 1.60
CA ILE A 128 1.29 -11.00 2.75
C ILE A 128 2.61 -10.32 2.41
N GLY A 129 3.34 -9.86 3.43
CA GLY A 129 4.61 -9.17 3.19
C GLY A 129 4.39 -7.78 2.61
N ALA A 130 5.41 -7.20 2.00
CA ALA A 130 5.30 -5.85 1.41
C ALA A 130 4.27 -5.81 0.28
N ILE A 131 4.19 -6.91 -0.46
CA ILE A 131 3.25 -7.04 -1.59
C ILE A 131 1.82 -7.03 -1.09
N GLY A 132 1.58 -7.73 0.02
CA GLY A 132 0.24 -7.78 0.58
C GLY A 132 -0.16 -6.42 1.12
N ILE A 133 0.82 -5.71 1.67
CA ILE A 133 0.57 -4.40 2.21
C ILE A 133 0.16 -3.48 1.07
N ALA A 134 0.90 -3.58 -0.03
CA ALA A 134 0.65 -2.76 -1.21
C ALA A 134 -0.72 -3.01 -1.81
N ARG A 135 -1.01 -4.28 -2.10
CA ARG A 135 -2.29 -4.57 -2.71
C ARG A 135 -3.44 -4.18 -1.79
N THR A 136 -3.26 -4.38 -0.49
CA THR A 136 -4.33 -4.01 0.43
C THR A 136 -4.61 -2.52 0.33
N PHE A 137 -3.56 -1.70 0.36
CA PHE A 137 -3.80 -0.26 0.28
C PHE A 137 -4.38 0.10 -1.10
N GLN A 138 -3.93 -0.57 -2.16
CA GLN A 138 -4.47 -0.29 -3.49
C GLN A 138 -5.97 -0.61 -3.54
N PHE A 139 -6.35 -1.77 -3.00
CA PHE A 139 -7.75 -2.14 -2.98
C PHE A 139 -8.58 -1.10 -2.23
N SER A 140 -8.09 -0.64 -1.09
CA SER A 140 -8.82 0.36 -0.33
C SER A 140 -9.00 1.62 -1.17
N GLY A 141 -7.97 1.97 -1.93
CA GLY A 141 -8.05 3.14 -2.78
C GLY A 141 -9.10 2.94 -3.88
N HIS A 142 -9.14 1.75 -4.43
CA HIS A 142 -10.09 1.43 -5.48
C HIS A 142 -11.54 1.47 -4.93
N PHE A 143 -11.73 0.98 -3.71
CA PHE A 143 -13.04 0.96 -3.07
C PHE A 143 -13.38 2.29 -2.42
N GLY A 144 -12.41 3.19 -2.38
CA GLY A 144 -12.63 4.49 -1.79
C GLY A 144 -12.74 4.45 -0.28
N GLU A 145 -12.04 3.50 0.35
CA GLU A 145 -12.06 3.38 1.81
C GLU A 145 -10.81 4.02 2.39
N PRO A 146 -10.87 4.45 3.66
CA PRO A 146 -9.70 5.09 4.30
C PRO A 146 -8.66 4.02 4.64
N TRP A 148 -7.32 3.75 7.62
CA TRP A 148 -7.57 3.35 8.99
C TRP A 148 -8.73 4.18 9.55
N THR A 149 -9.41 3.66 10.56
CA THR A 149 -10.52 4.37 11.17
C THR A 149 -10.28 4.53 12.66
N GLU A 150 -10.94 5.52 13.25
CA GLU A 150 -10.80 5.79 14.68
C GLU A 150 -11.52 4.71 15.50
N THR A 151 -10.78 4.07 16.40
CA THR A 151 -11.34 3.03 17.25
C THR A 151 -10.57 2.92 18.56
N LYS A 152 -11.20 2.36 19.58
CA LYS A 152 -10.57 2.20 20.89
C LYS A 152 -10.13 0.76 21.14
N LEU A 153 -10.56 -0.16 20.28
CA LEU A 153 -10.20 -1.56 20.42
C LEU A 153 -8.68 -1.73 20.40
N SER A 154 -8.19 -2.61 21.26
CA SER A 154 -6.76 -2.88 21.35
C SER A 154 -6.33 -3.86 20.27
N ASN A 155 -5.02 -4.02 20.13
CA ASN A 155 -4.45 -4.94 19.14
C ASN A 155 -5.05 -6.34 19.29
N GLU A 156 -4.93 -6.89 20.48
CA GLU A 156 -5.45 -8.23 20.77
C GLU A 156 -6.92 -8.36 20.37
N GLU A 157 -7.69 -7.34 20.69
CA GLU A 157 -9.11 -7.32 20.38
C GLU A 157 -9.38 -7.37 18.88
N LEU A 158 -8.60 -6.59 18.13
CA LEU A 158 -8.76 -6.54 16.67
C LEU A 158 -8.49 -7.90 16.04
N HIS A 159 -7.75 -8.74 16.75
CA HIS A 159 -7.43 -10.08 16.25
C HIS A 159 -8.58 -11.06 16.50
N THR A 160 -9.72 -10.53 16.96
CA THR A 160 -10.90 -11.35 17.22
C THR A 160 -12.00 -11.06 16.21
N SER A 161 -13.10 -11.81 16.28
CA SER A 161 -14.22 -11.63 15.36
C SER A 161 -14.88 -10.27 15.55
N LEU A 162 -14.43 -9.53 16.56
CA LEU A 162 -14.99 -8.22 16.84
C LEU A 162 -14.55 -7.17 15.83
N VAL A 163 -13.52 -7.50 15.05
CA VAL A 163 -13.00 -6.60 14.04
C VAL A 163 -14.10 -6.33 13.01
N GLU A 164 -15.09 -7.21 12.97
CA GLU A 164 -16.19 -7.06 12.04
C GLU A 164 -17.10 -5.87 12.38
N GLU A 165 -16.81 -5.22 13.50
CA GLU A 165 -17.62 -4.07 13.92
C GLU A 165 -17.06 -2.75 13.39
N LEU A 166 -15.80 -2.76 12.97
CA LEU A 166 -15.18 -1.56 12.44
C LEU A 166 -15.61 -1.32 11.00
N ASP A 167 -15.58 -0.06 10.56
CA ASP A 167 -15.95 0.26 9.18
C ASP A 167 -14.78 -0.19 8.31
N ASN A 168 -15.09 -0.56 7.07
CA ASN A 168 -14.05 -1.02 6.16
C ASN A 168 -12.87 -0.06 6.03
N SER A 169 -11.66 -0.62 6.05
CA SER A 169 -10.43 0.16 5.89
C SER A 169 -9.27 -0.77 5.55
N ALA A 170 -8.16 -0.18 5.14
CA ALA A 170 -6.98 -0.96 4.78
C ALA A 170 -6.43 -1.71 6.00
N ILE A 171 -6.16 -0.99 7.09
CA ILE A 171 -5.61 -1.62 8.28
C ILE A 171 -6.52 -2.71 8.82
N LYS A 172 -7.84 -2.49 8.72
CA LYS A 172 -8.82 -3.47 9.18
C LYS A 172 -8.59 -4.80 8.47
N HIS A 173 -8.24 -4.73 7.19
CA HIS A 173 -7.99 -5.94 6.40
C HIS A 173 -6.77 -6.70 6.93
N PHE A 174 -5.85 -6.00 7.59
CA PHE A 174 -4.67 -6.64 8.14
C PHE A 174 -5.11 -7.61 9.25
N TYR A 175 -5.98 -7.14 10.14
CA TYR A 175 -6.44 -7.99 11.23
C TYR A 175 -7.45 -9.05 10.83
N GLU A 176 -8.37 -8.69 9.94
CA GLU A 176 -9.40 -9.62 9.52
C GLU A 176 -8.92 -10.74 8.60
N LYS A 177 -7.86 -10.51 7.83
CA LYS A 177 -7.38 -11.55 6.94
C LYS A 177 -5.87 -11.75 6.89
N LEU A 178 -5.15 -10.74 6.44
CA LEU A 178 -3.70 -10.85 6.29
C LEU A 178 -2.94 -11.53 7.42
N PHE A 179 -3.18 -11.08 8.66
CA PHE A 179 -2.50 -11.64 9.83
C PHE A 179 -2.86 -13.09 10.16
N LYS A 180 -3.89 -13.63 9.53
CA LYS A 180 -4.28 -15.02 9.79
C LYS A 180 -3.67 -16.01 8.81
N LEU A 181 -3.11 -15.51 7.71
CA LEU A 181 -2.55 -16.37 6.67
C LEU A 181 -1.30 -17.17 6.99
N LYS A 182 -0.39 -16.59 7.78
CA LYS A 182 0.84 -17.28 8.12
C LYS A 182 0.58 -18.64 8.78
N ASP A 183 -0.39 -18.68 9.69
CA ASP A 183 -0.69 -19.93 10.39
C ASP A 183 -1.32 -20.99 9.49
N LEU A 184 -1.75 -20.59 8.30
CA LEU A 184 -2.38 -21.52 7.36
C LEU A 184 -1.40 -22.16 6.39
N HIS A 186 1.20 -24.64 4.85
CA HIS A 186 1.34 -26.08 5.01
C HIS A 186 2.77 -26.57 5.11
N THR A 187 3.60 -26.20 4.14
CA THR A 187 4.99 -26.66 4.13
C THR A 187 5.91 -25.86 5.02
N PRO A 188 6.96 -26.50 5.55
CA PRO A 188 7.93 -25.85 6.43
C PRO A 188 8.59 -24.63 5.73
N THR A 189 8.95 -24.80 4.46
CA THR A 189 9.58 -23.74 3.67
C THR A 189 8.66 -22.53 3.56
N ALA A 190 7.40 -22.76 3.25
CA ALA A 190 6.45 -21.66 3.15
C ALA A 190 6.24 -21.04 4.54
N LYS A 191 6.25 -21.85 5.58
CA LYS A 191 6.08 -21.30 6.93
C LYS A 191 7.22 -20.35 7.27
N LYS A 192 8.43 -20.68 6.81
CA LYS A 192 9.62 -19.87 7.05
C LYS A 192 9.50 -18.54 6.30
N LEU A 193 9.17 -18.61 5.03
CA LEU A 193 9.02 -17.40 4.24
C LEU A 193 7.90 -16.54 4.82
N ALA A 194 6.81 -17.16 5.23
CA ALA A 194 5.69 -16.41 5.79
C ALA A 194 6.07 -15.69 7.08
N GLU A 195 6.86 -16.34 7.92
CA GLU A 195 7.27 -15.73 9.19
C GLU A 195 7.93 -14.38 8.96
N GLU A 196 8.81 -14.30 7.96
CA GLU A 196 9.50 -13.04 7.65
C GLU A 196 8.52 -12.02 7.08
N ARG A 197 7.67 -12.44 6.16
CA ARG A 197 6.72 -11.49 5.57
C ARG A 197 5.70 -11.05 6.62
N HIS A 198 5.31 -11.97 7.50
CA HIS A 198 4.37 -11.68 8.58
C HIS A 198 5.00 -10.66 9.55
N GLN A 199 6.25 -10.89 9.98
CA GLN A 199 6.93 -9.97 10.87
C GLN A 199 7.12 -8.61 10.21
N PHE A 200 7.28 -8.62 8.90
CA PHE A 200 7.43 -7.35 8.20
C PHE A 200 6.12 -6.56 8.31
N ILE A 202 3.96 -6.74 10.71
CA ILE A 202 3.83 -6.30 12.09
C ILE A 202 4.61 -4.99 12.25
N GLN A 203 5.84 -4.98 11.76
CA GLN A 203 6.69 -3.80 11.88
C GLN A 203 6.12 -2.63 11.10
N TYR A 204 5.49 -2.91 9.95
CA TYR A 204 4.91 -1.84 9.14
C TYR A 204 3.75 -1.21 9.90
N LEU A 205 2.92 -2.05 10.52
CA LEU A 205 1.78 -1.59 11.30
C LEU A 205 2.24 -0.73 12.47
N LYS A 206 3.32 -1.15 13.13
CA LYS A 206 3.84 -0.39 14.25
C LYS A 206 4.28 0.99 13.80
N GLN A 207 5.02 1.05 12.70
CA GLN A 207 5.48 2.33 12.17
C GLN A 207 4.28 3.16 11.74
N PHE A 208 3.32 2.52 11.09
CA PHE A 208 2.13 3.23 10.63
C PHE A 208 1.40 3.88 11.79
N SER A 210 2.60 4.64 14.71
CA SER A 210 3.44 5.61 15.39
C SER A 210 3.30 6.97 14.72
N GLU A 211 3.04 6.94 13.41
CA GLU A 211 2.87 8.15 12.63
C GLU A 211 1.43 8.64 12.75
N TRP A 212 0.50 7.69 12.71
CA TRP A 212 -0.91 8.02 12.80
C TRP A 212 -1.23 8.69 14.13
N ASN A 213 -0.61 8.22 15.21
CA ASN A 213 -0.87 8.80 16.53
C ASN A 213 0.25 9.67 17.04
N PHE A 214 1.11 10.12 16.14
CA PHE A 214 2.25 10.95 16.48
C PHE A 214 1.84 12.24 17.19
N ASN A 215 2.47 12.48 18.33
CA ASN A 215 2.22 13.65 19.17
C ASN A 215 0.72 13.81 19.41
N LYS A 216 0.03 12.67 19.50
CA LYS A 216 -1.40 12.66 19.73
C LYS A 216 -1.67 12.94 21.21
N ASN B 2 -9.34 33.92 24.08
CA ASN B 2 -7.91 33.65 24.06
C ASN B 2 -7.53 32.74 22.89
N SER B 3 -6.24 32.56 22.69
CA SER B 3 -5.73 31.73 21.60
C SER B 3 -6.30 30.31 21.62
N ARG B 4 -6.36 29.71 22.80
CA ARG B 4 -6.89 28.35 22.95
C ARG B 4 -8.30 28.22 22.40
N LYS B 6 -9.69 30.19 20.16
CA LYS B 6 -9.63 30.43 18.72
C LYS B 6 -9.20 29.18 17.95
N ILE B 7 -8.19 28.51 18.48
CA ILE B 7 -7.69 27.28 17.86
C ILE B 7 -8.81 26.24 17.88
N LYS B 8 -9.51 26.14 19.01
CA LYS B 8 -10.60 25.20 19.14
C LYS B 8 -11.67 25.45 18.07
N LYS B 9 -11.98 26.73 17.85
CA LYS B 9 -12.99 27.10 16.85
C LYS B 9 -12.52 26.74 15.44
N ALA B 10 -11.23 26.96 15.16
CA ALA B 10 -10.67 26.63 13.86
C ALA B 10 -10.75 25.12 13.65
N TYR B 11 -10.52 24.36 14.74
CA TYR B 11 -10.58 22.91 14.68
C TYR B 11 -12.00 22.45 14.33
N GLU B 12 -12.98 23.07 14.97
CA GLU B 12 -14.39 22.76 14.73
C GLU B 12 -14.78 23.10 13.30
N TYR B 13 -14.35 24.27 12.84
CA TYR B 13 -14.64 24.72 11.47
C TYR B 13 -14.12 23.69 10.47
N LYS B 15 -13.43 20.40 10.84
CA LYS B 15 -14.19 19.15 10.84
C LYS B 15 -15.52 19.32 10.12
N SER B 16 -16.13 20.49 10.29
CA SER B 16 -17.41 20.78 9.66
C SER B 16 -17.27 20.87 8.14
N PHE B 17 -16.17 21.48 7.70
CA PHE B 17 -15.90 21.64 6.28
C PHE B 17 -15.75 20.29 5.59
N HIS B 18 -15.12 19.34 6.27
CA HIS B 18 -14.90 18.00 5.76
C HIS B 18 -15.90 16.98 6.30
N GLN B 19 -16.98 17.47 6.92
CA GLN B 19 -17.97 16.57 7.51
C GLN B 19 -18.61 15.62 6.50
N HIS B 20 -18.63 16.01 5.22
CA HIS B 20 -19.24 15.16 4.20
C HIS B 20 -18.25 14.18 3.56
N ASP B 21 -17.11 13.97 4.20
CA ASP B 21 -16.10 13.05 3.69
C ASP B 21 -16.33 11.68 4.35
N THR B 22 -16.95 10.78 3.61
CA THR B 22 -17.25 9.43 4.12
C THR B 22 -16.02 8.54 4.22
N THR B 23 -14.87 9.13 4.51
CA THR B 23 -13.63 8.35 4.64
C THR B 23 -12.85 8.79 5.86
N GLY B 24 -13.12 10.02 6.32
CA GLY B 24 -12.41 10.53 7.48
C GLY B 24 -10.97 10.86 7.14
N HIS B 25 -10.55 10.48 5.93
CA HIS B 25 -9.19 10.71 5.46
C HIS B 25 -8.77 12.18 5.57
N ASP B 26 -9.60 13.07 5.02
CA ASP B 26 -9.32 14.51 5.04
C ASP B 26 -9.09 15.04 6.46
N ILE B 27 -9.99 14.70 7.37
CA ILE B 27 -9.87 15.16 8.75
C ILE B 27 -8.62 14.57 9.42
N ALA B 28 -8.42 13.27 9.25
CA ALA B 28 -7.26 12.61 9.84
C ALA B 28 -5.98 13.28 9.35
N HIS B 29 -5.92 13.53 8.04
CA HIS B 29 -4.76 14.18 7.45
C HIS B 29 -4.48 15.52 8.11
N VAL B 30 -5.49 16.37 8.21
CA VAL B 30 -5.32 17.67 8.82
C VAL B 30 -4.81 17.53 10.25
N GLU B 31 -5.42 16.63 11.02
CA GLU B 31 -5.03 16.40 12.40
C GLU B 31 -3.55 15.97 12.51
N ARG B 32 -3.09 15.11 11.61
CA ARG B 32 -1.69 14.69 11.66
C ARG B 32 -0.77 15.85 11.35
N VAL B 33 -1.12 16.64 10.34
CA VAL B 33 -0.30 17.79 9.98
C VAL B 33 -0.27 18.73 11.17
N TYR B 34 -1.43 18.95 11.78
CA TYR B 34 -1.49 19.81 12.94
C TYR B 34 -0.63 19.29 14.09
N ASN B 35 -0.76 18.00 14.40
CA ASN B 35 0.04 17.44 15.49
C ASN B 35 1.54 17.48 15.19
N ASN B 36 1.91 17.29 13.93
CA ASN B 36 3.32 17.33 13.55
C ASN B 36 3.85 18.75 13.73
N ALA B 37 3.08 19.73 13.26
CA ALA B 37 3.46 21.13 13.35
C ALA B 37 3.63 21.58 14.80
N CYS B 38 2.75 21.12 15.68
CA CYS B 38 2.83 21.48 17.10
C CYS B 38 4.09 20.86 17.72
N TYR B 39 4.42 19.65 17.28
CA TYR B 39 5.60 18.98 17.80
C TYR B 39 6.83 19.78 17.36
N ILE B 40 6.87 20.13 16.08
CA ILE B 40 7.99 20.89 15.53
C ILE B 40 8.11 22.28 16.17
N ALA B 41 6.98 22.96 16.34
CA ALA B 41 7.01 24.30 16.93
C ALA B 41 7.70 24.32 18.28
N LYS B 42 7.23 23.47 19.19
CA LYS B 42 7.79 23.39 20.52
C LYS B 42 9.29 23.09 20.46
N ARG B 43 9.65 22.15 19.59
CA ARG B 43 11.05 21.74 19.42
C ARG B 43 11.90 22.88 18.88
N GLU B 44 11.29 23.71 18.04
CA GLU B 44 12.00 24.83 17.46
C GLU B 44 11.90 26.04 18.37
N ASN B 45 11.38 25.81 19.56
CA ASN B 45 11.23 26.86 20.57
C ASN B 45 10.47 28.08 20.07
N ILE B 46 9.23 27.88 19.67
CA ILE B 46 8.39 28.98 19.20
C ILE B 46 7.37 29.31 20.28
N THR B 47 7.53 30.49 20.88
CA THR B 47 6.63 30.92 21.95
C THR B 47 5.17 30.89 21.51
N ASP B 48 4.79 31.86 20.69
CA ASP B 48 3.42 31.96 20.20
C ASP B 48 3.24 31.09 18.96
N THR B 49 2.38 30.10 19.06
CA THR B 49 2.13 29.21 17.93
C THR B 49 0.73 29.37 17.33
N LEU B 50 0.11 30.52 17.54
CA LEU B 50 -1.23 30.76 17.00
C LEU B 50 -1.26 30.65 15.48
N VAL B 51 -0.37 31.36 14.81
CA VAL B 51 -0.31 31.33 13.35
C VAL B 51 -0.12 29.90 12.83
N ILE B 52 0.84 29.19 13.41
CA ILE B 52 1.11 27.81 13.01
C ILE B 52 -0.11 26.89 13.15
N GLU B 53 -0.74 26.93 14.32
CA GLU B 53 -1.91 26.10 14.58
C GLU B 53 -3.09 26.44 13.68
N LEU B 54 -3.35 27.73 13.48
CA LEU B 54 -4.46 28.16 12.61
C LEU B 54 -4.21 27.77 11.15
N SER B 55 -2.99 28.01 10.67
CA SER B 55 -2.63 27.67 9.29
C SER B 55 -2.75 26.17 9.03
N SER B 56 -2.22 25.36 9.95
CA SER B 56 -2.24 23.90 9.83
C SER B 56 -3.68 23.38 9.76
N LEU B 57 -4.53 23.86 10.65
CA LEU B 57 -5.92 23.41 10.69
C LEU B 57 -6.80 23.88 9.52
N LEU B 58 -6.52 25.07 8.99
CA LEU B 58 -7.33 25.66 7.92
C LEU B 58 -6.75 25.66 6.50
N HIS B 59 -5.50 25.22 6.36
CA HIS B 59 -4.84 25.22 5.04
C HIS B 59 -5.54 24.38 3.97
N ASP B 60 -6.32 23.39 4.39
CA ASP B 60 -7.00 22.53 3.45
C ASP B 60 -8.44 22.94 3.12
N THR B 61 -8.94 23.98 3.79
CA THR B 61 -10.30 24.43 3.57
C THR B 61 -10.41 25.40 2.39
N VAL B 62 -9.39 25.44 1.54
CA VAL B 62 -9.38 26.30 0.36
C VAL B 62 -8.88 25.56 -0.88
N TYR B 73 -11.24 32.27 -1.04
CA TYR B 73 -10.86 32.68 0.31
C TYR B 73 -11.96 33.49 1.00
N ASP B 74 -13.06 33.73 0.28
CA ASP B 74 -14.16 34.49 0.85
C ASP B 74 -14.70 33.83 2.12
N GLN B 75 -15.00 32.54 2.05
CA GLN B 75 -15.51 31.82 3.20
C GLN B 75 -14.48 31.72 4.32
N LEU B 76 -13.21 31.54 3.95
CA LEU B 76 -12.14 31.45 4.93
C LEU B 76 -11.98 32.79 5.65
N LYS B 77 -11.98 33.87 4.87
CA LYS B 77 -11.85 35.21 5.44
C LYS B 77 -13.03 35.51 6.35
N GLN B 78 -14.20 34.99 5.99
CA GLN B 78 -15.40 35.20 6.79
C GLN B 78 -15.22 34.57 8.16
N PHE B 79 -14.81 33.30 8.18
CA PHE B 79 -14.59 32.59 9.44
C PHE B 79 -13.52 33.29 10.26
N LEU B 80 -12.37 33.58 9.65
CA LEU B 80 -11.28 34.25 10.33
C LEU B 80 -11.71 35.58 10.90
N SER B 81 -12.74 36.16 10.30
CA SER B 81 -13.27 37.44 10.71
C SER B 81 -14.05 37.31 12.02
N THR B 82 -14.26 36.08 12.47
CA THR B 82 -14.99 35.83 13.71
C THR B 82 -14.07 35.44 14.86
N LEU B 83 -12.77 35.37 14.59
CA LEU B 83 -11.80 35.00 15.61
C LEU B 83 -11.13 36.21 16.27
N ASP B 84 -11.60 37.40 15.95
CA ASP B 84 -11.06 38.63 16.51
C ASP B 84 -9.54 38.68 16.38
N LEU B 85 -9.05 38.51 15.15
CA LEU B 85 -7.62 38.53 14.90
C LEU B 85 -7.21 39.85 14.30
N SER B 86 -5.98 40.28 14.58
CA SER B 86 -5.48 41.52 14.02
C SER B 86 -5.22 41.27 12.54
N SER B 87 -5.12 42.34 11.75
CA SER B 87 -4.87 42.21 10.32
C SER B 87 -3.51 41.52 10.08
N GLU B 88 -2.54 41.84 10.92
CA GLU B 88 -1.19 41.28 10.81
C GLU B 88 -1.21 39.75 10.93
N ILE B 89 -1.94 39.26 11.92
CA ILE B 89 -2.06 37.83 12.15
C ILE B 89 -2.97 37.22 11.09
N SER B 90 -4.11 37.85 10.88
CA SER B 90 -5.07 37.37 9.89
C SER B 90 -4.43 37.22 8.52
N GLN B 91 -3.73 38.25 8.07
CA GLN B 91 -3.08 38.23 6.77
C GLN B 91 -1.92 37.22 6.75
N GLN B 92 -1.31 37.03 7.91
CA GLN B 92 -0.20 36.10 8.07
C GLN B 92 -0.68 34.67 7.72
N VAL B 93 -1.78 34.26 8.34
CA VAL B 93 -2.39 32.93 8.11
C VAL B 93 -2.84 32.76 6.66
N LEU B 94 -3.53 33.76 6.14
CA LEU B 94 -4.02 33.70 4.75
C LEU B 94 -2.85 33.53 3.78
N TYR B 95 -1.79 34.31 3.97
CA TYR B 95 -0.62 34.25 3.10
C TYR B 95 -0.02 32.85 3.12
N ILE B 96 0.15 32.29 4.33
CA ILE B 96 0.74 30.96 4.47
C ILE B 96 -0.11 29.91 3.75
N ILE B 97 -1.41 29.93 4.03
CA ILE B 97 -2.36 29.02 3.41
C ILE B 97 -2.30 29.12 1.90
N LYS B 98 -2.24 30.34 1.39
CA LYS B 98 -2.19 30.55 -0.05
C LYS B 98 -0.91 30.05 -0.71
N HIS B 99 0.23 30.23 -0.04
CA HIS B 99 1.51 29.80 -0.60
C HIS B 99 2.06 28.51 -0.01
N HIS B 109 7.06 29.51 -6.49
CA HIS B 109 7.42 29.11 -5.13
C HIS B 109 8.06 30.27 -4.39
N VAL B 110 7.59 30.54 -3.19
CA VAL B 110 8.15 31.63 -2.39
C VAL B 110 8.59 31.15 -1.01
N LYS B 111 9.51 31.89 -0.40
CA LYS B 111 9.99 31.53 0.93
C LYS B 111 8.90 32.00 1.89
N LEU B 112 8.86 31.40 3.07
CA LEU B 112 7.89 31.77 4.09
C LEU B 112 8.62 32.00 5.40
N SER B 113 7.88 32.50 6.39
CA SER B 113 8.46 32.73 7.71
C SER B 113 8.61 31.35 8.34
N ILE B 114 9.31 31.28 9.45
CA ILE B 114 9.52 30.03 10.16
C ILE B 114 8.17 29.35 10.44
N ASP B 115 7.15 30.15 10.69
CA ASP B 115 5.82 29.62 10.96
C ASP B 115 5.30 28.89 9.73
N GLY B 116 5.53 29.49 8.56
CA GLY B 116 5.08 28.88 7.33
C GLY B 116 5.92 27.68 6.95
N GLU B 117 7.22 27.76 7.19
CA GLU B 117 8.08 26.63 6.86
C GLU B 117 7.79 25.43 7.75
N ILE B 118 7.28 25.68 8.95
CA ILE B 118 6.95 24.60 9.87
C ILE B 118 5.66 23.91 9.41
N VAL B 119 4.69 24.68 8.94
CA VAL B 119 3.45 24.08 8.46
C VAL B 119 3.84 23.26 7.25
N ARG B 120 4.75 23.79 6.44
CA ARG B 120 5.21 23.08 5.25
C ARG B 120 5.87 21.75 5.62
N ASP B 121 6.75 21.78 6.61
CA ASP B 121 7.44 20.56 7.07
C ASP B 121 6.45 19.51 7.57
N ALA B 122 5.46 19.95 8.34
CA ALA B 122 4.46 19.06 8.91
C ALA B 122 3.66 18.38 7.81
N ASP B 123 3.31 19.16 6.80
CA ASP B 123 2.56 18.65 5.66
C ASP B 123 3.44 17.68 4.86
N ARG B 124 4.70 18.06 4.65
CA ARG B 124 5.63 17.22 3.89
C ARG B 124 5.87 15.89 4.61
N LEU B 125 5.99 15.93 5.94
CA LEU B 125 6.20 14.71 6.71
C LEU B 125 5.07 13.69 6.50
N ASP B 126 3.82 14.16 6.36
CA ASP B 126 2.72 13.22 6.16
C ASP B 126 2.77 12.56 4.79
N ALA B 127 3.66 13.05 3.93
CA ALA B 127 3.79 12.47 2.59
C ALA B 127 4.80 11.30 2.54
N ILE B 128 5.58 11.12 3.61
CA ILE B 128 6.56 10.05 3.65
C ILE B 128 6.29 9.08 4.81
N GLY B 129 7.15 8.07 4.95
CA GLY B 129 6.97 7.10 6.01
C GLY B 129 5.90 6.07 5.69
N ALA B 130 5.49 5.30 6.70
CA ALA B 130 4.47 4.27 6.48
C ALA B 130 3.20 4.90 5.91
N ILE B 131 2.86 6.11 6.36
CA ILE B 131 1.65 6.76 5.86
C ILE B 131 1.81 7.18 4.40
N GLY B 132 2.95 7.80 4.09
CA GLY B 132 3.19 8.23 2.71
C GLY B 132 3.11 7.04 1.76
N ILE B 133 3.64 5.91 2.20
CA ILE B 133 3.63 4.70 1.38
C ILE B 133 2.19 4.27 1.17
N ALA B 134 1.42 4.22 2.26
CA ALA B 134 0.02 3.82 2.21
C ALA B 134 -0.78 4.75 1.29
N ARG B 135 -0.56 6.05 1.42
CA ARG B 135 -1.28 7.01 0.57
C ARG B 135 -0.94 6.78 -0.88
N THR B 136 0.34 6.54 -1.13
CA THR B 136 0.79 6.32 -2.49
C THR B 136 0.10 5.12 -3.14
N PHE B 137 0.05 4.01 -2.42
CA PHE B 137 -0.60 2.84 -2.98
C PHE B 137 -2.10 3.05 -3.14
N GLN B 138 -2.72 3.80 -2.22
CA GLN B 138 -4.15 4.06 -2.33
C GLN B 138 -4.46 4.80 -3.63
N PHE B 139 -3.66 5.83 -3.92
CA PHE B 139 -3.85 6.62 -5.13
C PHE B 139 -3.69 5.75 -6.37
N SER B 140 -2.67 4.90 -6.38
CA SER B 140 -2.44 4.03 -7.53
C SER B 140 -3.64 3.11 -7.72
N GLY B 141 -4.17 2.59 -6.63
CA GLY B 141 -5.34 1.72 -6.73
C GLY B 141 -6.53 2.51 -7.23
N HIS B 142 -6.71 3.71 -6.68
CA HIS B 142 -7.81 4.56 -7.10
C HIS B 142 -7.77 4.83 -8.60
N PHE B 143 -6.57 5.03 -9.13
CA PHE B 143 -6.39 5.30 -10.55
C PHE B 143 -6.18 4.03 -11.38
N GLY B 144 -6.16 2.88 -10.72
CA GLY B 144 -5.97 1.63 -11.42
C GLY B 144 -4.57 1.46 -11.97
N GLU B 145 -3.59 2.01 -11.25
CA GLU B 145 -2.20 1.92 -11.67
C GLU B 145 -1.52 0.70 -11.06
N PRO B 146 -0.46 0.22 -11.70
CA PRO B 146 0.25 -0.95 -11.17
C PRO B 146 1.09 -0.56 -9.97
N TRP B 148 4.18 -1.62 -9.68
CA TRP B 148 5.49 -1.41 -10.27
C TRP B 148 5.44 -1.95 -11.68
N THR B 149 6.43 -1.57 -12.49
CA THR B 149 6.53 -2.02 -13.88
C THR B 149 7.99 -2.32 -14.16
N GLU B 150 8.25 -3.16 -15.15
CA GLU B 150 9.63 -3.46 -15.49
C GLU B 150 10.21 -2.32 -16.33
N THR B 151 11.45 -1.92 -16.05
CA THR B 151 12.09 -0.85 -16.80
C THR B 151 13.53 -1.21 -17.21
N LYS B 152 14.00 -0.58 -18.29
CA LYS B 152 15.35 -0.82 -18.77
C LYS B 152 16.31 0.16 -18.12
N LEU B 153 15.76 1.10 -17.36
CA LEU B 153 16.58 2.10 -16.67
C LEU B 153 17.24 1.45 -15.46
N SER B 154 18.46 1.86 -15.14
CA SER B 154 19.15 1.31 -13.99
C SER B 154 18.55 1.94 -12.74
N ASN B 155 18.69 1.24 -11.62
CA ASN B 155 18.14 1.74 -10.37
C ASN B 155 18.68 3.14 -10.09
N GLU B 156 19.94 3.36 -10.42
CA GLU B 156 20.57 4.67 -10.22
C GLU B 156 19.93 5.74 -11.09
N GLU B 157 19.55 5.38 -12.31
CA GLU B 157 18.93 6.33 -13.22
C GLU B 157 17.54 6.76 -12.75
N LEU B 158 16.88 5.90 -11.99
CA LEU B 158 15.54 6.20 -11.48
C LEU B 158 15.52 7.40 -10.53
N HIS B 159 16.69 7.77 -10.03
CA HIS B 159 16.79 8.91 -9.13
C HIS B 159 17.03 10.22 -9.89
N THR B 160 17.00 10.13 -11.22
CA THR B 160 17.19 11.30 -12.08
C THR B 160 15.90 11.57 -12.86
N SER B 161 15.92 12.60 -13.69
CA SER B 161 14.74 12.97 -14.48
C SER B 161 14.31 11.85 -15.42
N LEU B 162 15.20 10.90 -15.68
CA LEU B 162 14.84 9.80 -16.55
C LEU B 162 13.63 9.04 -16.02
N VAL B 163 13.36 9.17 -14.72
CA VAL B 163 12.21 8.49 -14.11
C VAL B 163 10.89 8.88 -14.76
N GLU B 164 10.84 10.06 -15.35
CA GLU B 164 9.62 10.54 -16.00
C GLU B 164 9.22 9.69 -17.21
N GLU B 165 10.16 8.92 -17.74
CA GLU B 165 9.90 8.06 -18.89
C GLU B 165 9.17 6.77 -18.53
N LEU B 166 9.06 6.49 -17.24
CA LEU B 166 8.38 5.29 -16.77
C LEU B 166 6.87 5.46 -16.80
N ASP B 167 6.16 4.36 -16.97
CA ASP B 167 4.69 4.40 -16.96
C ASP B 167 4.35 4.63 -15.47
N ASN B 168 3.23 5.29 -15.19
CA ASN B 168 2.84 5.55 -13.82
C ASN B 168 2.69 4.26 -13.00
N SER B 169 3.21 4.28 -11.77
CA SER B 169 3.10 3.17 -10.84
C SER B 169 3.38 3.71 -9.47
N ALA B 170 2.92 3.00 -8.44
CA ALA B 170 3.16 3.44 -7.07
C ALA B 170 4.67 3.50 -6.81
N ILE B 171 5.42 2.49 -7.27
CA ILE B 171 6.86 2.49 -7.04
C ILE B 171 7.54 3.65 -7.75
N LYS B 172 7.09 3.98 -8.96
CA LYS B 172 7.66 5.10 -9.69
C LYS B 172 7.63 6.35 -8.81
N HIS B 173 6.50 6.56 -8.16
CA HIS B 173 6.30 7.72 -7.28
C HIS B 173 7.33 7.76 -6.14
N PHE B 174 7.82 6.60 -5.72
CA PHE B 174 8.84 6.58 -4.66
C PHE B 174 10.08 7.29 -5.18
N TYR B 175 10.54 6.91 -6.37
CA TYR B 175 11.74 7.53 -6.96
C TYR B 175 11.57 8.96 -7.46
N GLU B 176 10.41 9.25 -8.02
CA GLU B 176 10.15 10.57 -8.58
C GLU B 176 9.84 11.64 -7.54
N LYS B 177 9.24 11.26 -6.42
CA LYS B 177 8.86 12.24 -5.41
C LYS B 177 9.21 11.96 -3.96
N LEU B 178 8.74 10.83 -3.44
CA LEU B 178 8.95 10.51 -2.03
C LEU B 178 10.39 10.53 -1.51
N PHE B 179 11.32 9.90 -2.22
CA PHE B 179 12.71 9.89 -1.77
C PHE B 179 13.40 11.26 -1.78
N LYS B 180 12.76 12.26 -2.36
CA LYS B 180 13.35 13.60 -2.44
C LYS B 180 12.85 14.57 -1.38
N LEU B 181 11.79 14.18 -0.68
CA LEU B 181 11.19 15.04 0.33
C LEU B 181 11.98 15.28 1.61
N LYS B 182 12.71 14.27 2.09
CA LYS B 182 13.49 14.41 3.31
C LYS B 182 14.49 15.57 3.21
N ASP B 183 15.20 15.63 2.10
CA ASP B 183 16.19 16.69 1.89
C ASP B 183 15.56 18.08 1.71
N LEU B 184 14.23 18.15 1.68
CA LEU B 184 13.54 19.43 1.51
C LEU B 184 13.04 20.01 2.84
N HIS B 186 12.80 21.93 6.19
CA HIS B 186 13.40 23.20 6.61
C HIS B 186 14.00 23.19 8.01
N THR B 187 13.20 22.81 9.00
CA THR B 187 13.65 22.79 10.38
C THR B 187 14.47 21.57 10.75
N PRO B 188 15.40 21.73 11.70
CA PRO B 188 16.23 20.61 12.13
C PRO B 188 15.40 19.46 12.71
N THR B 189 14.30 19.81 13.38
CA THR B 189 13.43 18.81 14.00
C THR B 189 12.72 18.02 12.92
N ALA B 190 12.26 18.71 11.88
CA ALA B 190 11.56 18.04 10.79
C ALA B 190 12.55 17.13 10.06
N LYS B 191 13.78 17.58 9.91
CA LYS B 191 14.79 16.77 9.24
C LYS B 191 14.96 15.46 10.01
N LYS B 192 15.04 15.56 11.34
CA LYS B 192 15.19 14.39 12.21
C LYS B 192 14.05 13.39 12.03
N LEU B 193 12.82 13.89 12.10
CA LEU B 193 11.64 13.06 11.95
C LEU B 193 11.61 12.45 10.55
N ALA B 194 12.00 13.24 9.57
CA ALA B 194 12.03 12.80 8.18
C ALA B 194 13.05 11.69 7.94
N GLU B 195 14.19 11.73 8.63
CA GLU B 195 15.21 10.69 8.44
C GLU B 195 14.69 9.31 8.82
N GLU B 196 13.90 9.25 9.91
CA GLU B 196 13.34 7.99 10.37
C GLU B 196 12.39 7.43 9.32
N ARG B 197 11.46 8.27 8.88
CA ARG B 197 10.48 7.85 7.88
C ARG B 197 11.12 7.55 6.54
N HIS B 198 12.18 8.28 6.21
CA HIS B 198 12.91 8.09 4.95
C HIS B 198 13.57 6.70 5.00
N GLN B 199 14.25 6.43 6.10
CA GLN B 199 14.90 5.14 6.30
C GLN B 199 13.87 4.04 6.17
N PHE B 200 12.68 4.27 6.73
CA PHE B 200 11.63 3.26 6.67
C PHE B 200 11.17 2.98 5.23
N ILE B 202 12.91 3.23 2.53
CA ILE B 202 13.97 2.49 1.85
C ILE B 202 13.79 1.02 2.24
N GLN B 203 13.60 0.77 3.52
CA GLN B 203 13.41 -0.59 4.04
C GLN B 203 12.20 -1.24 3.38
N TYR B 204 11.13 -0.48 3.21
CA TYR B 204 9.93 -1.03 2.59
C TYR B 204 10.19 -1.39 1.13
N LEU B 205 10.90 -0.51 0.43
CA LEU B 205 11.22 -0.69 -0.99
C LEU B 205 12.06 -1.96 -1.17
N LYS B 206 13.07 -2.10 -0.33
CA LYS B 206 13.95 -3.27 -0.42
C LYS B 206 13.15 -4.53 -0.15
N GLN B 207 12.23 -4.50 0.81
CA GLN B 207 11.42 -5.67 1.09
C GLN B 207 10.48 -5.94 -0.10
N PHE B 208 9.92 -4.86 -0.65
CA PHE B 208 9.02 -4.96 -1.80
C PHE B 208 9.73 -5.64 -2.96
N SER B 210 12.44 -7.50 -2.87
CA SER B 210 12.85 -8.86 -2.57
C SER B 210 11.72 -9.84 -2.88
N GLU B 211 10.47 -9.40 -2.69
CA GLU B 211 9.31 -10.24 -2.95
C GLU B 211 8.98 -10.21 -4.44
N TRP B 212 9.06 -9.03 -5.03
CA TRP B 212 8.78 -8.86 -6.45
C TRP B 212 9.71 -9.74 -7.29
N ASN B 213 10.99 -9.80 -6.91
CA ASN B 213 11.97 -10.61 -7.65
C ASN B 213 12.29 -11.93 -6.96
N PHE B 214 11.46 -12.34 -6.01
CA PHE B 214 11.73 -13.59 -5.29
C PHE B 214 11.91 -14.80 -6.19
N ASN B 215 13.08 -15.43 -6.09
CA ASN B 215 13.42 -16.63 -6.87
C ASN B 215 13.23 -16.42 -8.36
N LYS B 216 13.38 -15.16 -8.78
CA LYS B 216 13.24 -14.77 -10.17
C LYS B 216 14.64 -14.58 -10.76
N GLU B 217 14.92 -15.27 -11.86
CA GLU B 217 16.24 -15.16 -12.48
C GLU B 217 16.18 -15.73 -13.89
#